data_9F6N
#
_entry.id   9F6N
#
_cell.length_a   1.00
_cell.length_b   1.00
_cell.length_c   1.00
_cell.angle_alpha   90.00
_cell.angle_beta   90.00
_cell.angle_gamma   90.00
#
_symmetry.space_group_name_H-M   'P 1'
#
loop_
_entity.id
_entity.type
_entity.pdbx_description
1 polymer 'Natural resistance-associated macrophage protein 2'
2 non-polymer 'MANGANESE (II) ION'
#
_entity_poly.entity_id   1
_entity_poly.type   'polypeptide(L)'
_entity_poly.pdbx_seq_one_letter_code
;MSRKKQLKTEAAPHCELKSYSKNSATQVSTMVLGPEQKMSDDSVSGDHGESASLGNINPAYSNPSLSQSPGDSEEYFATY
FNEKISIPEEEYSCFSFRKLWAFTGPGFLMSIAYLDPGNIESDLQSGAVAGFKLLWILLLATLVGLLLQRLAARLGVVTG
LHLAEVCHRQYPKVPRVILWLMVELAIIGSDMQEVIGSAIAINLLSVGRIPLWGGVLITIADTFVFLFLDKYGLRKLEAF
FGFLITIMALTFGYEYVTVKPSQSQVLKGMFVPSCSGCRTPQIEQAVGIVGAVIMPHNMYLHSALVKSRQVNRNNKQEVR
EANKYFFIESCIALFVSFIINVFVVSVFAEAFFGKTNEQVVEVCTNTSSPHAGLFPKDNSTLAVDIYKGGVVLGCYFGPA
ALYIWAVGILAAGQSSTMTGTYSGQFVMEGFLNLKWSRFARVVLTRSIAIIPTLLVAVFQDVEHLTGMNDFLNVLQSLQL
PFALIPILTFTSLRPVMSDFANGLGWRIAGGILVLIICSINMYFVVVYVRDLGHVALYVVAAVVSVAYLGFVFYLGWQCL
IALGMSFLDCGHTVSISKGLLTEEATRGYVKALEVLFQGPQGTEQKLISEEDLRGASMDEKTTGWRGGHVVEGLAGELEQ
LRARLEHHPQGQREP
;
_entity_poly.pdbx_strand_id   A
#
# COMPACT_ATOMS: atom_id res chain seq x y z
N SER A 93 16.84 31.52 0.97
CA SER A 93 17.99 30.64 1.39
C SER A 93 18.02 29.37 0.56
N CYS A 94 19.20 28.75 0.49
CA CYS A 94 19.34 27.51 -0.27
C CYS A 94 18.59 26.38 0.40
N PHE A 95 18.79 26.20 1.71
CA PHE A 95 18.15 25.13 2.46
C PHE A 95 18.38 25.39 3.94
N SER A 96 17.37 25.13 4.76
CA SER A 96 17.51 25.35 6.19
C SER A 96 16.43 24.57 6.92
N PHE A 97 16.77 24.10 8.12
CA PHE A 97 15.81 23.37 8.95
C PHE A 97 14.75 24.28 9.54
N ARG A 98 15.04 25.58 9.71
CA ARG A 98 14.05 26.51 10.25
C ARG A 98 12.82 26.60 9.35
N LYS A 99 13.04 26.72 8.04
CA LYS A 99 11.94 26.68 7.09
C LYS A 99 11.42 25.27 6.88
N LEU A 100 12.24 24.23 7.11
CA LEU A 100 11.75 22.86 6.96
C LEU A 100 10.71 22.51 8.02
N TRP A 101 10.93 22.94 9.26
CA TRP A 101 9.99 22.62 10.33
C TRP A 101 8.63 23.27 10.14
N ALA A 102 8.55 24.37 9.40
CA ALA A 102 7.27 25.04 9.19
C ALA A 102 6.32 24.19 8.35
N PHE A 103 6.83 23.47 7.36
CA PHE A 103 6.02 22.70 6.42
C PHE A 103 5.72 21.28 6.91
N THR A 104 5.98 20.97 8.17
CA THR A 104 5.78 19.61 8.66
C THR A 104 4.30 19.32 8.88
N GLY A 105 3.96 18.02 8.81
CA GLY A 105 2.63 17.53 9.04
C GLY A 105 2.11 16.54 7.99
N PRO A 106 2.33 16.80 6.70
CA PRO A 106 2.04 15.76 5.70
C PRO A 106 3.00 14.59 5.73
N GLY A 107 4.23 14.82 6.23
CA GLY A 107 5.27 13.81 6.12
C GLY A 107 5.00 12.55 6.91
N PHE A 108 4.48 12.69 8.13
CA PHE A 108 4.23 11.52 8.97
C PHE A 108 3.11 10.66 8.38
N LEU A 109 2.05 11.31 7.90
CA LEU A 109 0.93 10.55 7.36
C LEU A 109 1.32 9.88 6.05
N MET A 110 2.11 10.57 5.23
CA MET A 110 2.62 9.94 4.02
C MET A 110 3.60 8.80 4.35
N SER A 111 4.34 8.91 5.45
CA SER A 111 5.26 7.84 5.80
C SER A 111 4.50 6.59 6.23
N ILE A 112 3.49 6.73 7.09
CA ILE A 112 2.71 5.56 7.49
C ILE A 112 1.87 5.02 6.34
N ALA A 113 1.52 5.86 5.34
CA ALA A 113 0.65 5.39 4.25
C ALA A 113 1.26 4.28 3.42
N TYR A 114 2.58 4.17 3.36
CA TYR A 114 3.28 3.16 2.56
C TYR A 114 3.56 1.85 3.30
N LEU A 115 3.12 1.71 4.56
CA LEU A 115 3.33 0.52 5.38
C LEU A 115 2.02 0.01 5.93
N ASP A 116 1.02 -0.15 5.05
CA ASP A 116 -0.18 -0.87 5.41
C ASP A 116 0.15 -2.36 5.53
N PRO A 117 -0.75 -3.17 6.09
CA PRO A 117 -0.46 -4.62 6.16
C PRO A 117 -0.32 -5.29 4.82
N GLY A 118 -0.91 -4.74 3.76
CA GLY A 118 -0.68 -5.28 2.44
C GLY A 118 0.74 -5.11 1.96
N ASN A 119 1.37 -3.98 2.31
CA ASN A 119 2.77 -3.78 1.97
C ASN A 119 3.65 -4.78 2.71
N ILE A 120 3.34 -5.05 3.98
CA ILE A 120 4.13 -6.01 4.75
C ILE A 120 3.90 -7.42 4.19
N GLU A 121 2.68 -7.72 3.72
CA GLU A 121 2.43 -9.01 3.11
C GLU A 121 3.18 -9.15 1.78
N SER A 122 3.26 -8.07 1.01
CA SER A 122 4.01 -8.11 -0.24
C SER A 122 5.50 -8.33 0.00
N ASP A 123 6.06 -7.63 0.99
CA ASP A 123 7.45 -7.88 1.37
C ASP A 123 7.63 -9.27 1.97
N LEU A 124 6.64 -9.76 2.69
CA LEU A 124 6.70 -11.10 3.27
C LEU A 124 6.77 -12.17 2.19
N GLN A 125 5.93 -12.05 1.15
CA GLN A 125 6.01 -12.96 0.03
C GLN A 125 7.28 -12.73 -0.79
N SER A 126 7.78 -11.49 -0.82
CA SER A 126 9.03 -11.23 -1.51
C SER A 126 10.21 -11.94 -0.84
N GLY A 127 10.17 -12.08 0.48
CA GLY A 127 11.25 -12.68 1.25
C GLY A 127 11.21 -14.18 1.40
N ALA A 128 10.32 -14.89 0.70
CA ALA A 128 10.32 -16.35 0.66
C ALA A 128 10.25 -16.93 -0.73
N VAL A 129 9.57 -16.27 -1.66
CA VAL A 129 9.52 -16.73 -3.04
C VAL A 129 10.85 -16.52 -3.74
N ALA A 130 11.44 -15.35 -3.57
CA ALA A 130 12.63 -14.92 -4.31
C ALA A 130 13.80 -14.52 -3.41
N GLY A 131 13.56 -14.17 -2.15
CA GLY A 131 14.66 -13.77 -1.29
C GLY A 131 15.21 -12.41 -1.65
N PHE A 132 16.53 -12.25 -1.55
CA PHE A 132 17.17 -10.97 -1.82
C PHE A 132 17.20 -10.58 -3.29
N LYS A 133 17.01 -11.53 -4.21
CA LYS A 133 17.20 -11.25 -5.62
C LYS A 133 16.16 -10.29 -6.20
N LEU A 134 15.00 -10.12 -5.55
CA LEU A 134 13.89 -9.29 -6.01
C LEU A 134 13.63 -8.17 -4.99
N LEU A 135 14.72 -7.58 -4.49
CA LEU A 135 14.70 -6.43 -3.60
C LEU A 135 14.92 -5.11 -4.33
N TRP A 136 15.59 -5.13 -5.48
CA TRP A 136 15.84 -3.89 -6.21
C TRP A 136 14.55 -3.27 -6.74
N ILE A 137 13.56 -4.10 -7.08
CA ILE A 137 12.29 -3.56 -7.56
C ILE A 137 11.54 -2.83 -6.45
N LEU A 138 11.80 -3.17 -5.18
CA LEU A 138 11.25 -2.35 -4.09
C LEU A 138 11.81 -0.95 -4.12
N LEU A 139 13.12 -0.81 -4.36
CA LEU A 139 13.73 0.51 -4.47
C LEU A 139 13.19 1.24 -5.69
N LEU A 140 13.02 0.53 -6.82
CA LEU A 140 12.49 1.17 -8.02
C LEU A 140 11.05 1.65 -7.81
N ALA A 141 10.23 0.83 -7.17
CA ALA A 141 8.85 1.21 -6.89
C ALA A 141 8.78 2.38 -5.93
N THR A 142 9.64 2.38 -4.90
CA THR A 142 9.65 3.49 -3.96
C THR A 142 10.13 4.78 -4.64
N LEU A 143 11.11 4.67 -5.54
CA LEU A 143 11.61 5.86 -6.22
C LEU A 143 10.57 6.44 -7.17
N VAL A 144 9.91 5.59 -7.96
CA VAL A 144 8.89 6.11 -8.86
C VAL A 144 7.67 6.58 -8.08
N GLY A 145 7.37 5.96 -6.93
CA GLY A 145 6.30 6.46 -6.08
C GLY A 145 6.60 7.83 -5.51
N LEU A 146 7.84 8.07 -5.09
CA LEU A 146 8.14 9.45 -4.65
C LEU A 146 7.99 10.34 -5.88
N LEU A 147 8.64 10.00 -6.99
CA LEU A 147 8.61 10.91 -8.13
C LEU A 147 7.18 11.20 -8.60
N LEU A 148 6.21 10.35 -8.24
CA LEU A 148 4.79 10.66 -8.43
C LEU A 148 4.23 11.47 -7.27
N GLN A 149 4.74 11.27 -6.06
CA GLN A 149 4.25 12.02 -4.91
C GLN A 149 4.68 13.48 -4.99
N ARG A 150 5.84 13.75 -5.59
CA ARG A 150 6.21 15.14 -5.80
C ARG A 150 5.28 15.81 -6.80
N LEU A 151 4.81 15.07 -7.81
CA LEU A 151 3.81 15.63 -8.71
C LEU A 151 2.51 15.91 -7.97
N ALA A 152 2.17 15.05 -7.01
CA ALA A 152 1.00 15.33 -6.16
C ALA A 152 1.18 16.61 -5.36
N ALA A 153 2.38 16.81 -4.79
CA ALA A 153 2.67 18.03 -4.05
C ALA A 153 2.61 19.26 -4.95
N ARG A 154 3.12 19.13 -6.18
CA ARG A 154 3.08 20.23 -7.13
C ARG A 154 1.65 20.59 -7.49
N LEU A 155 0.79 19.58 -7.68
CA LEU A 155 -0.60 19.85 -7.95
C LEU A 155 -1.28 20.48 -6.74
N GLY A 156 -0.86 20.10 -5.53
CA GLY A 156 -1.41 20.72 -4.34
C GLY A 156 -1.02 22.17 -4.15
N VAL A 157 0.22 22.53 -4.46
CA VAL A 157 0.73 23.85 -4.10
C VAL A 157 0.25 24.87 -5.13
N VAL A 158 0.50 24.60 -6.42
CA VAL A 158 0.42 25.64 -7.45
C VAL A 158 -1.03 26.07 -7.64
N THR A 159 -1.97 25.12 -7.57
CA THR A 159 -3.39 25.39 -7.46
C THR A 159 -3.86 24.83 -6.12
N GLY A 160 -4.59 25.66 -5.37
CA GLY A 160 -4.98 25.28 -4.02
C GLY A 160 -5.91 24.08 -3.96
N LEU A 161 -6.65 23.81 -5.02
CA LEU A 161 -7.59 22.69 -5.03
C LEU A 161 -6.82 21.39 -5.24
N HIS A 162 -7.09 20.41 -4.39
CA HIS A 162 -6.34 19.16 -4.41
C HIS A 162 -6.83 18.30 -5.57
N LEU A 163 -6.29 17.07 -5.67
CA LEU A 163 -6.40 16.28 -6.90
C LEU A 163 -7.84 15.83 -7.15
N ALA A 164 -8.59 15.55 -6.11
CA ALA A 164 -9.98 15.17 -6.29
C ALA A 164 -10.81 16.34 -6.82
N GLU A 165 -10.52 17.56 -6.35
CA GLU A 165 -11.29 18.72 -6.80
C GLU A 165 -11.00 19.04 -8.27
N VAL A 166 -9.73 19.04 -8.67
CA VAL A 166 -9.42 19.31 -10.06
C VAL A 166 -9.90 18.17 -10.94
N CYS A 167 -9.92 16.94 -10.41
CA CYS A 167 -10.52 15.85 -11.17
C CYS A 167 -12.02 16.06 -11.34
N HIS A 168 -12.68 16.64 -10.33
CA HIS A 168 -14.10 16.95 -10.47
C HIS A 168 -14.32 18.03 -11.52
N ARG A 169 -13.44 19.04 -11.53
CA ARG A 169 -13.61 20.16 -12.45
C ARG A 169 -13.23 19.84 -13.89
N GLN A 170 -12.27 18.93 -14.12
CA GLN A 170 -11.73 18.70 -15.45
C GLN A 170 -12.54 17.68 -16.26
N TYR A 171 -12.64 16.44 -15.76
CA TYR A 171 -13.30 15.40 -16.54
C TYR A 171 -14.81 15.64 -16.60
N PRO A 172 -15.54 15.02 -17.55
CA PRO A 172 -17.00 15.17 -17.55
C PRO A 172 -17.70 14.47 -16.39
N LYS A 173 -19.02 14.53 -16.39
CA LYS A 173 -19.80 13.93 -15.31
C LYS A 173 -19.82 12.41 -15.40
N VAL A 174 -19.75 11.85 -16.60
CA VAL A 174 -19.85 10.40 -16.78
C VAL A 174 -18.61 9.73 -16.18
N PRO A 175 -17.39 9.95 -16.66
CA PRO A 175 -16.26 9.17 -16.14
C PRO A 175 -15.84 9.55 -14.73
N ARG A 176 -16.28 10.71 -14.22
CA ARG A 176 -15.95 11.11 -12.85
C ARG A 176 -16.50 10.12 -11.84
N VAL A 177 -17.77 9.73 -11.99
CA VAL A 177 -18.38 8.80 -11.05
C VAL A 177 -17.74 7.42 -11.14
N ILE A 178 -17.34 7.01 -12.35
CA ILE A 178 -16.73 5.69 -12.51
C ILE A 178 -15.33 5.68 -11.88
N LEU A 179 -14.54 6.72 -12.11
CA LEU A 179 -13.22 6.81 -11.50
C LEU A 179 -13.32 6.90 -9.98
N TRP A 180 -14.34 7.63 -9.50
CA TRP A 180 -14.60 7.68 -8.06
C TRP A 180 -14.94 6.30 -7.52
N LEU A 181 -15.75 5.54 -8.25
CA LEU A 181 -16.16 4.22 -7.76
C LEU A 181 -14.97 3.26 -7.75
N MET A 182 -14.07 3.37 -8.73
CA MET A 182 -12.89 2.52 -8.71
C MET A 182 -11.93 2.91 -7.58
N VAL A 183 -11.84 4.20 -7.28
CA VAL A 183 -11.05 4.63 -6.12
C VAL A 183 -11.67 4.10 -4.84
N GLU A 184 -13.00 4.13 -4.76
CA GLU A 184 -13.70 3.59 -3.58
C GLU A 184 -13.46 2.10 -3.46
N LEU A 185 -13.44 1.38 -4.57
CA LEU A 185 -13.17 -0.05 -4.53
C LEU A 185 -11.75 -0.31 -4.08
N ALA A 186 -10.80 0.54 -4.49
CA ALA A 186 -9.43 0.39 -4.03
C ALA A 186 -9.31 0.66 -2.54
N ILE A 187 -10.00 1.69 -2.04
CA ILE A 187 -9.94 2.00 -0.60
C ILE A 187 -10.61 0.89 0.20
N ILE A 188 -11.71 0.34 -0.32
CA ILE A 188 -12.39 -0.76 0.36
C ILE A 188 -11.51 -2.00 0.36
N GLY A 189 -10.78 -2.23 -0.73
CA GLY A 189 -9.85 -3.35 -0.76
C GLY A 189 -8.73 -3.19 0.24
N SER A 190 -8.21 -1.96 0.36
CA SER A 190 -7.18 -1.69 1.36
C SER A 190 -7.71 -1.89 2.78
N ASP A 191 -8.94 -1.46 3.04
CA ASP A 191 -9.51 -1.64 4.36
C ASP A 191 -9.84 -3.11 4.64
N MET A 192 -10.22 -3.87 3.62
CA MET A 192 -10.44 -5.30 3.82
C MET A 192 -9.12 -6.01 4.08
N GLN A 193 -8.05 -5.60 3.39
CA GLN A 193 -6.73 -6.19 3.65
C GLN A 193 -6.26 -5.84 5.06
N GLU A 194 -6.59 -4.62 5.51
CA GLU A 194 -6.35 -4.22 6.88
C GLU A 194 -7.11 -5.11 7.85
N VAL A 195 -8.36 -5.42 7.54
CA VAL A 195 -9.17 -6.23 8.46
C VAL A 195 -8.62 -7.64 8.54
N ILE A 196 -8.16 -8.20 7.41
CA ILE A 196 -7.53 -9.52 7.43
C ILE A 196 -6.27 -9.51 8.29
N GLY A 197 -5.41 -8.51 8.09
CA GLY A 197 -4.18 -8.43 8.87
C GLY A 197 -4.44 -8.24 10.36
N SER A 198 -5.37 -7.36 10.70
CA SER A 198 -5.66 -7.10 12.10
C SER A 198 -6.34 -8.29 12.76
N ALA A 199 -7.20 -9.00 12.02
CA ALA A 199 -7.82 -10.20 12.58
C ALA A 199 -6.80 -11.29 12.83
N ILE A 200 -5.85 -11.45 11.90
CA ILE A 200 -4.79 -12.44 12.09
C ILE A 200 -3.94 -12.09 13.30
N ALA A 201 -3.60 -10.81 13.45
CA ALA A 201 -2.79 -10.41 14.60
C ALA A 201 -3.54 -10.54 15.92
N ILE A 202 -4.85 -10.24 15.93
CA ILE A 202 -5.63 -10.39 17.16
C ILE A 202 -5.75 -11.86 17.52
N ASN A 203 -5.92 -12.74 16.53
CA ASN A 203 -5.90 -14.16 16.78
C ASN A 203 -4.54 -14.62 17.31
N LEU A 204 -3.46 -14.01 16.82
CA LEU A 204 -2.12 -14.51 17.11
C LEU A 204 -1.56 -13.97 18.42
N LEU A 205 -2.02 -12.79 18.88
CA LEU A 205 -1.61 -12.31 20.20
C LEU A 205 -2.11 -13.23 21.29
N SER A 206 -3.37 -13.66 21.19
CA SER A 206 -4.03 -14.41 22.25
C SER A 206 -3.71 -15.90 22.25
N VAL A 207 -2.75 -16.35 21.42
CA VAL A 207 -2.38 -17.77 21.31
C VAL A 207 -3.58 -18.58 20.86
N GLY A 208 -4.38 -18.04 19.94
CA GLY A 208 -5.46 -18.78 19.33
C GLY A 208 -6.74 -18.90 20.13
N ARG A 209 -6.82 -18.32 21.34
CA ARG A 209 -8.04 -18.42 22.11
C ARG A 209 -9.16 -17.62 21.45
N ILE A 210 -8.84 -16.43 20.95
CA ILE A 210 -9.79 -15.59 20.25
C ILE A 210 -9.93 -16.20 18.85
N PRO A 211 -11.13 -16.55 18.36
CA PRO A 211 -11.23 -17.00 16.97
C PRO A 211 -11.01 -15.87 15.98
N LEU A 212 -10.97 -16.24 14.71
CA LEU A 212 -10.75 -15.26 13.64
C LEU A 212 -11.91 -14.28 13.55
N TRP A 213 -13.15 -14.79 13.62
CA TRP A 213 -14.31 -13.91 13.63
C TRP A 213 -14.32 -13.01 14.86
N GLY A 214 -13.77 -13.50 15.98
CA GLY A 214 -13.60 -12.64 17.14
C GLY A 214 -12.68 -11.45 16.86
N GLY A 215 -11.57 -11.70 16.16
CA GLY A 215 -10.69 -10.60 15.80
C GLY A 215 -11.32 -9.65 14.81
N VAL A 216 -12.09 -10.18 13.85
CA VAL A 216 -12.77 -9.33 12.87
C VAL A 216 -13.80 -8.46 13.55
N LEU A 217 -14.50 -9.00 14.56
CA LEU A 217 -15.43 -8.19 15.33
C LEU A 217 -14.70 -7.19 16.22
N ILE A 218 -13.53 -7.57 16.74
CA ILE A 218 -12.75 -6.65 17.57
C ILE A 218 -12.24 -5.48 16.75
N THR A 219 -12.04 -5.65 15.44
CA THR A 219 -11.62 -4.53 14.60
C THR A 219 -12.67 -3.43 14.46
N ILE A 220 -13.93 -3.67 14.84
CA ILE A 220 -14.97 -2.65 14.75
C ILE A 220 -14.68 -1.46 15.67
N ALA A 221 -13.92 -1.66 16.75
CA ALA A 221 -13.68 -0.61 17.74
C ALA A 221 -12.93 0.60 17.20
N ASP A 222 -12.25 0.49 16.05
CA ASP A 222 -11.67 1.66 15.40
C ASP A 222 -12.74 2.68 15.05
N THR A 223 -13.93 2.21 14.65
CA THR A 223 -15.03 3.11 14.34
C THR A 223 -15.49 3.87 15.57
N PHE A 224 -15.56 3.20 16.72
CA PHE A 224 -15.96 3.88 17.95
C PHE A 224 -14.87 4.84 18.42
N VAL A 225 -13.60 4.51 18.16
CA VAL A 225 -12.52 5.44 18.42
C VAL A 225 -12.69 6.69 17.56
N PHE A 226 -13.08 6.51 16.29
CA PHE A 226 -13.31 7.67 15.44
C PHE A 226 -14.52 8.48 15.89
N LEU A 227 -15.55 7.82 16.43
CA LEU A 227 -16.66 8.54 17.06
C LEU A 227 -16.18 9.40 18.22
N PHE A 228 -15.34 8.85 19.09
CA PHE A 228 -14.87 9.64 20.23
C PHE A 228 -13.96 10.78 19.78
N LEU A 229 -13.15 10.56 18.74
CA LEU A 229 -12.32 11.63 18.20
C LEU A 229 -13.17 12.72 17.57
N ASP A 230 -14.18 12.37 16.80
CA ASP A 230 -14.98 13.51 16.28
C ASP A 230 -15.62 14.20 17.50
N LYS A 231 -16.29 13.43 18.36
CA LYS A 231 -16.98 14.10 19.46
C LYS A 231 -16.09 15.12 20.14
N TYR A 232 -14.89 14.71 20.55
CA TYR A 232 -13.96 15.59 21.23
C TYR A 232 -13.16 16.47 20.28
N GLY A 233 -13.07 16.09 19.00
CA GLY A 233 -12.53 16.97 17.97
C GLY A 233 -11.07 17.33 18.12
N LEU A 234 -10.19 16.35 18.30
CA LEU A 234 -8.76 16.64 18.37
C LEU A 234 -8.25 17.18 17.03
N ARG A 235 -8.51 16.44 15.95
CA ARG A 235 -8.32 16.91 14.57
C ARG A 235 -6.86 17.22 14.22
N LYS A 236 -5.88 16.72 15.00
CA LYS A 236 -4.46 16.90 14.74
C LYS A 236 -3.77 15.59 14.41
N LEU A 237 -3.80 14.61 15.34
CA LEU A 237 -3.39 13.22 15.15
C LEU A 237 -1.95 13.01 14.66
N GLU A 238 -1.08 14.04 14.75
CA GLU A 238 0.30 13.89 14.33
C GLU A 238 1.08 13.03 15.34
N ALA A 239 0.78 13.19 16.63
CA ALA A 239 1.44 12.40 17.65
C ALA A 239 1.10 10.92 17.51
N PHE A 240 -0.10 10.63 17.01
CA PHE A 240 -0.41 9.20 16.80
C PHE A 240 0.54 8.71 15.78
N PHE A 241 0.63 9.41 14.66
CA PHE A 241 1.42 8.89 13.54
C PHE A 241 2.87 8.73 13.94
N GLY A 242 3.39 9.65 14.75
CA GLY A 242 4.74 9.54 15.24
C GLY A 242 4.94 8.33 16.13
N PHE A 243 4.00 8.10 17.06
CA PHE A 243 4.06 6.91 17.90
C PHE A 243 3.91 5.64 17.08
N LEU A 244 3.12 5.69 15.99
CA LEU A 244 2.96 4.54 15.13
C LEU A 244 4.26 4.18 14.43
N ILE A 245 4.95 5.17 13.88
CA ILE A 245 6.25 4.91 13.24
C ILE A 245 7.26 4.45 14.28
N THR A 246 7.17 4.98 15.51
CA THR A 246 8.07 4.56 16.58
C THR A 246 7.91 3.07 16.90
N ILE A 247 6.67 2.63 17.12
CA ILE A 247 6.45 1.24 17.51
C ILE A 247 6.77 0.29 16.34
N MET A 248 6.40 0.68 15.11
CA MET A 248 6.69 -0.19 13.97
C MET A 248 8.19 -0.28 13.69
N ALA A 249 8.90 0.84 13.83
CA ALA A 249 10.34 0.85 13.62
C ALA A 249 11.05 0.02 14.66
N LEU A 250 10.68 0.15 15.95
CA LEU A 250 11.34 -0.65 16.98
C LEU A 250 11.00 -2.14 16.85
N THR A 251 9.78 -2.48 16.40
CA THR A 251 9.43 -3.89 16.22
C THR A 251 10.28 -4.54 15.14
N PHE A 252 10.22 -4.00 13.91
CA PHE A 252 10.98 -4.63 12.84
C PHE A 252 12.49 -4.42 13.00
N GLY A 253 12.91 -3.38 13.73
CA GLY A 253 14.31 -3.27 14.08
C GLY A 253 14.77 -4.33 15.04
N TYR A 254 13.93 -4.69 16.01
CA TYR A 254 14.29 -5.78 16.93
C TYR A 254 14.35 -7.10 16.16
N GLU A 255 13.45 -7.26 15.18
CA GLU A 255 13.51 -8.45 14.32
C GLU A 255 14.82 -8.52 13.54
N TYR A 256 15.22 -7.38 12.94
CA TYR A 256 16.45 -7.31 12.17
C TYR A 256 17.68 -7.56 13.05
N VAL A 257 17.69 -6.99 14.26
CA VAL A 257 18.82 -7.17 15.16
C VAL A 257 18.89 -8.60 15.66
N THR A 258 17.75 -9.26 15.86
CA THR A 258 17.78 -10.64 16.31
C THR A 258 18.31 -11.56 15.21
N VAL A 259 17.79 -11.44 14.00
CA VAL A 259 18.18 -12.39 12.95
C VAL A 259 19.63 -12.15 12.51
N LYS A 260 20.06 -10.89 12.49
CA LYS A 260 21.41 -10.47 12.08
C LYS A 260 21.74 -10.91 10.65
N PRO A 261 21.03 -10.40 9.65
CA PRO A 261 21.32 -10.82 8.27
C PRO A 261 22.56 -10.13 7.71
N SER A 262 23.04 -10.68 6.58
CA SER A 262 24.26 -10.20 5.98
C SER A 262 24.01 -8.93 5.17
N GLN A 263 24.79 -7.89 5.44
CA GLN A 263 24.61 -6.62 4.73
C GLN A 263 25.16 -6.67 3.31
N SER A 264 26.17 -7.51 3.06
CA SER A 264 26.70 -7.65 1.70
C SER A 264 25.64 -8.20 0.76
N GLN A 265 24.93 -9.24 1.20
CA GLN A 265 23.92 -9.86 0.35
C GLN A 265 22.73 -8.93 0.13
N VAL A 266 22.31 -8.19 1.17
CA VAL A 266 21.16 -7.33 1.01
C VAL A 266 21.51 -6.13 0.13
N LEU A 267 22.74 -5.60 0.24
CA LEU A 267 23.12 -4.51 -0.67
C LEU A 267 23.27 -5.01 -2.10
N LYS A 268 23.74 -6.26 -2.27
CA LYS A 268 23.82 -6.86 -3.59
C LYS A 268 22.43 -7.01 -4.20
N GLY A 269 21.45 -7.47 -3.42
CA GLY A 269 20.08 -7.49 -3.89
C GLY A 269 19.52 -6.10 -4.14
N MET A 270 19.96 -5.11 -3.37
CA MET A 270 19.41 -3.76 -3.48
C MET A 270 19.83 -3.10 -4.80
N PHE A 271 21.14 -2.95 -5.02
CA PHE A 271 21.66 -2.04 -6.04
C PHE A 271 22.09 -2.71 -7.34
N VAL A 272 22.08 -4.03 -7.45
CA VAL A 272 22.45 -4.78 -8.65
C VAL A 272 21.17 -5.42 -9.19
N PRO A 273 20.52 -4.85 -10.23
CA PRO A 273 19.36 -5.56 -10.82
C PRO A 273 19.76 -6.87 -11.49
N SER A 274 19.29 -7.98 -10.93
CA SER A 274 19.56 -9.31 -11.49
C SER A 274 18.57 -10.29 -10.87
N CYS A 275 17.81 -10.98 -11.71
CA CYS A 275 16.86 -12.01 -11.31
C CYS A 275 17.17 -13.27 -12.12
N SER A 276 18.13 -14.06 -11.63
CA SER A 276 18.54 -15.30 -12.26
C SER A 276 17.68 -16.45 -11.77
N GLY A 277 17.51 -17.44 -12.63
CA GLY A 277 16.65 -18.57 -12.31
C GLY A 277 15.21 -18.17 -12.12
N CYS A 278 14.73 -17.24 -12.94
CA CYS A 278 13.38 -16.72 -12.79
C CYS A 278 12.33 -17.74 -13.20
N ARG A 279 11.13 -17.56 -12.67
CA ARG A 279 9.97 -18.38 -12.98
C ARG A 279 8.78 -17.43 -13.03
N THR A 280 7.76 -17.75 -13.83
CA THR A 280 6.75 -16.78 -14.21
C THR A 280 5.91 -16.29 -13.02
N PRO A 281 5.52 -17.14 -12.06
CA PRO A 281 5.02 -16.59 -10.78
C PRO A 281 6.01 -15.70 -10.02
N GLN A 282 7.33 -15.85 -10.20
CA GLN A 282 8.26 -14.93 -9.52
C GLN A 282 8.10 -13.51 -10.08
N ILE A 283 7.96 -13.38 -11.40
CA ILE A 283 7.66 -12.07 -11.98
C ILE A 283 6.21 -11.66 -11.67
N GLU A 284 5.33 -12.64 -11.39
CA GLU A 284 3.99 -12.26 -10.92
C GLU A 284 4.07 -11.57 -9.57
N GLN A 285 4.91 -12.08 -8.66
CA GLN A 285 5.06 -11.41 -7.37
C GLN A 285 5.87 -10.12 -7.54
N ALA A 286 6.72 -10.04 -8.57
CA ALA A 286 7.38 -8.77 -8.90
C ALA A 286 6.37 -7.70 -9.28
N VAL A 287 5.39 -8.05 -10.12
CA VAL A 287 4.34 -7.10 -10.47
C VAL A 287 3.46 -6.83 -9.25
N GLY A 288 3.31 -7.83 -8.38
CA GLY A 288 2.57 -7.62 -7.15
C GLY A 288 3.20 -6.56 -6.25
N ILE A 289 4.51 -6.64 -6.05
CA ILE A 289 5.17 -5.64 -5.19
C ILE A 289 5.18 -4.28 -5.87
N VAL A 290 5.41 -4.23 -7.19
CA VAL A 290 5.43 -2.91 -7.84
C VAL A 290 4.04 -2.28 -7.88
N GLY A 291 2.97 -3.08 -7.86
CA GLY A 291 1.63 -2.58 -7.72
C GLY A 291 1.19 -2.27 -6.30
N ALA A 292 1.77 -2.95 -5.31
CA ALA A 292 1.40 -2.77 -3.91
C ALA A 292 2.14 -1.64 -3.22
N VAL A 293 3.37 -1.33 -3.64
CA VAL A 293 4.09 -0.22 -3.04
C VAL A 293 3.41 1.10 -3.39
N ILE A 294 3.09 1.31 -4.67
CA ILE A 294 2.41 2.53 -5.13
C ILE A 294 0.94 2.30 -4.82
N MET A 295 0.52 2.72 -3.63
CA MET A 295 -0.90 2.59 -3.29
C MET A 295 -1.69 3.57 -4.16
N PRO A 296 -2.92 3.21 -4.57
CA PRO A 296 -3.60 4.09 -5.54
C PRO A 296 -4.11 5.39 -4.94
N HIS A 297 -4.54 5.37 -3.69
CA HIS A 297 -5.23 6.51 -3.08
C HIS A 297 -4.30 7.47 -2.33
N ASN A 298 -2.98 7.26 -2.37
CA ASN A 298 -2.09 8.17 -1.65
C ASN A 298 -1.99 9.54 -2.32
N MET A 299 -2.12 9.58 -3.64
CA MET A 299 -2.00 10.92 -4.24
C MET A 299 -3.08 11.82 -3.62
N TYR A 300 -4.36 11.50 -3.80
CA TYR A 300 -5.43 12.38 -3.35
C TYR A 300 -5.16 12.86 -1.93
N LEU A 301 -4.69 11.95 -1.08
CA LEU A 301 -4.38 12.30 0.30
C LEU A 301 -3.24 13.30 0.39
N HIS A 302 -2.17 13.10 -0.39
CA HIS A 302 -1.03 14.02 -0.30
C HIS A 302 -1.39 15.39 -0.84
N SER A 303 -2.18 15.43 -1.93
CA SER A 303 -2.61 16.72 -2.46
C SER A 303 -3.49 17.47 -1.47
N ALA A 304 -4.38 16.76 -0.78
CA ALA A 304 -5.23 17.43 0.21
C ALA A 304 -4.44 17.90 1.41
N LEU A 305 -3.51 17.08 1.90
CA LEU A 305 -2.70 17.48 3.05
C LEU A 305 -1.80 18.66 2.69
N VAL A 306 -1.35 18.73 1.44
CA VAL A 306 -0.60 19.89 0.98
C VAL A 306 -1.51 21.11 0.88
N LYS A 307 -2.77 20.90 0.48
CA LYS A 307 -3.74 21.99 0.45
C LYS A 307 -4.01 22.54 1.84
N SER A 308 -3.88 21.70 2.89
CA SER A 308 -4.14 22.16 4.26
C SER A 308 -3.20 23.29 4.66
N ARG A 309 -1.96 23.25 4.19
CA ARG A 309 -1.03 24.35 4.44
C ARG A 309 -1.49 25.57 3.65
N GLN A 310 -1.62 26.70 4.33
CA GLN A 310 -1.92 27.96 3.66
C GLN A 310 -0.71 28.40 2.85
N VAL A 311 -0.96 28.93 1.65
CA VAL A 311 0.12 29.39 0.77
C VAL A 311 -0.49 30.31 -0.27
N ASN A 312 0.26 31.35 -0.63
CA ASN A 312 -0.16 32.29 -1.67
C ASN A 312 0.14 31.67 -3.02
N ARG A 313 -0.91 31.33 -3.77
CA ARG A 313 -0.72 30.68 -5.07
C ARG A 313 -0.11 31.63 -6.08
N ASN A 314 -0.45 32.93 -6.01
CA ASN A 314 0.01 33.87 -7.01
C ASN A 314 1.50 34.13 -6.89
N ASN A 315 2.02 34.25 -5.67
CA ASN A 315 3.43 34.57 -5.49
C ASN A 315 4.28 33.37 -5.87
N LYS A 316 5.28 33.61 -6.72
CA LYS A 316 6.06 32.52 -7.28
C LYS A 316 7.07 31.95 -6.29
N GLN A 317 7.70 32.82 -5.48
CA GLN A 317 8.80 32.38 -4.63
C GLN A 317 8.30 31.48 -3.51
N GLU A 318 7.18 31.84 -2.88
CA GLU A 318 6.58 31.00 -1.85
C GLU A 318 6.12 29.67 -2.44
N VAL A 319 5.60 29.70 -3.67
CA VAL A 319 5.16 28.49 -4.36
C VAL A 319 6.34 27.55 -4.57
N ARG A 320 7.45 28.08 -5.10
CA ARG A 320 8.61 27.23 -5.38
C ARG A 320 9.23 26.69 -4.10
N GLU A 321 9.31 27.54 -3.06
CA GLU A 321 9.89 27.11 -1.79
C GLU A 321 9.06 26.00 -1.15
N ALA A 322 7.74 26.20 -1.08
CA ALA A 322 6.87 25.21 -0.49
C ALA A 322 6.87 23.92 -1.29
N ASN A 323 6.91 24.03 -2.62
CA ASN A 323 6.94 22.85 -3.49
C ASN A 323 8.19 22.02 -3.26
N LYS A 324 9.36 22.68 -3.23
CA LYS A 324 10.60 21.92 -3.07
C LYS A 324 10.70 21.34 -1.66
N TYR A 325 10.19 22.06 -0.65
CA TYR A 325 10.28 21.52 0.70
C TYR A 325 9.30 20.38 0.93
N PHE A 326 8.11 20.42 0.34
CA PHE A 326 7.23 19.25 0.40
C PHE A 326 7.84 18.08 -0.35
N PHE A 327 8.59 18.34 -1.42
CA PHE A 327 9.30 17.25 -2.08
C PHE A 327 10.35 16.62 -1.17
N ILE A 328 11.11 17.44 -0.43
CA ILE A 328 12.11 16.89 0.49
C ILE A 328 11.43 16.15 1.64
N GLU A 329 10.28 16.66 2.11
CA GLU A 329 9.59 16.00 3.21
C GLU A 329 9.04 14.65 2.79
N SER A 330 8.46 14.58 1.59
CA SER A 330 8.02 13.30 1.04
C SER A 330 9.20 12.37 0.82
N CYS A 331 10.36 12.91 0.45
CA CYS A 331 11.55 12.08 0.27
C CYS A 331 11.98 11.45 1.59
N ILE A 332 11.97 12.23 2.68
CA ILE A 332 12.37 11.69 3.98
C ILE A 332 11.37 10.64 4.46
N ALA A 333 10.07 10.93 4.28
CA ALA A 333 9.03 9.97 4.69
C ALA A 333 9.12 8.67 3.91
N LEU A 334 9.27 8.76 2.59
CA LEU A 334 9.40 7.55 1.79
C LEU A 334 10.70 6.82 2.06
N PHE A 335 11.77 7.54 2.44
CA PHE A 335 13.00 6.85 2.81
C PHE A 335 12.82 6.04 4.08
N VAL A 336 12.12 6.59 5.07
CA VAL A 336 11.90 5.86 6.32
C VAL A 336 11.02 4.64 6.06
N SER A 337 9.98 4.80 5.25
CA SER A 337 9.12 3.67 4.90
C SER A 337 9.88 2.61 4.11
N PHE A 338 10.78 3.04 3.23
CA PHE A 338 11.58 2.11 2.45
C PHE A 338 12.56 1.35 3.34
N ILE A 339 13.10 2.01 4.36
CA ILE A 339 14.01 1.32 5.28
C ILE A 339 13.25 0.25 6.07
N ILE A 340 12.03 0.55 6.50
CA ILE A 340 11.25 -0.46 7.24
C ILE A 340 10.88 -1.61 6.32
N ASN A 341 10.53 -1.32 5.07
CA ASN A 341 10.22 -2.37 4.11
C ASN A 341 11.44 -3.23 3.82
N VAL A 342 12.62 -2.60 3.73
CA VAL A 342 13.85 -3.34 3.52
C VAL A 342 14.15 -4.24 4.70
N PHE A 343 13.85 -3.78 5.91
CA PHE A 343 14.03 -4.63 7.09
C PHE A 343 13.16 -5.87 7.02
N VAL A 344 11.90 -5.71 6.58
CA VAL A 344 10.99 -6.86 6.48
C VAL A 344 11.48 -7.85 5.42
N VAL A 345 11.89 -7.33 4.25
CA VAL A 345 12.37 -8.20 3.17
C VAL A 345 13.64 -8.92 3.60
N SER A 346 14.56 -8.20 4.25
CA SER A 346 15.83 -8.80 4.58
C SER A 346 15.70 -9.86 5.67
N VAL A 347 14.86 -9.60 6.68
CA VAL A 347 14.70 -10.56 7.77
C VAL A 347 14.05 -11.84 7.24
N PHE A 348 12.99 -11.71 6.43
CA PHE A 348 12.39 -12.94 5.90
C PHE A 348 13.22 -13.60 4.82
N ALA A 349 14.04 -12.83 4.09
CA ALA A 349 14.91 -13.43 3.09
C ALA A 349 16.01 -14.25 3.73
N GLU A 350 16.68 -13.71 4.75
CA GLU A 350 17.76 -14.47 5.37
C GLU A 350 17.21 -15.65 6.16
N ALA A 351 16.07 -15.48 6.82
CA ALA A 351 15.64 -16.51 7.76
C ALA A 351 15.13 -17.77 7.05
N PHE A 352 14.06 -17.64 6.26
CA PHE A 352 13.28 -18.76 5.72
C PHE A 352 13.18 -18.80 4.20
N PHE A 353 14.22 -18.39 3.49
CA PHE A 353 14.31 -18.55 2.04
C PHE A 353 14.82 -19.95 1.74
N GLY A 354 14.02 -20.73 1.03
CA GLY A 354 14.44 -22.04 0.58
C GLY A 354 14.39 -23.15 1.61
N LYS A 355 13.86 -22.90 2.80
CA LYS A 355 13.77 -23.94 3.83
C LYS A 355 12.57 -24.82 3.56
N THR A 356 12.81 -26.12 3.36
CA THR A 356 11.71 -27.04 3.11
C THR A 356 10.89 -27.25 4.38
N ASN A 357 9.74 -27.92 4.21
CA ASN A 357 8.81 -28.10 5.33
C ASN A 357 9.38 -28.99 6.42
N GLU A 358 10.22 -29.98 6.05
CA GLU A 358 10.75 -30.92 7.03
C GLU A 358 11.64 -30.22 8.06
N GLN A 359 12.49 -29.29 7.59
CA GLN A 359 13.40 -28.59 8.48
C GLN A 359 12.64 -27.75 9.49
N VAL A 360 11.67 -26.97 9.02
CA VAL A 360 10.91 -26.11 9.91
C VAL A 360 10.05 -26.94 10.85
N VAL A 361 9.52 -28.08 10.37
CA VAL A 361 8.68 -28.92 11.23
C VAL A 361 9.53 -29.52 12.34
N GLU A 362 10.73 -30.01 12.01
CA GLU A 362 11.61 -30.58 13.01
C GLU A 362 12.08 -29.53 14.01
N VAL A 363 12.45 -28.34 13.53
CA VAL A 363 12.92 -27.29 14.41
C VAL A 363 11.80 -26.80 15.32
N CYS A 364 10.59 -26.65 14.76
CA CYS A 364 9.49 -26.11 15.54
C CYS A 364 8.97 -27.15 16.53
N THR A 365 9.08 -28.44 16.20
CA THR A 365 8.78 -29.48 17.18
C THR A 365 9.84 -29.51 18.28
N ASN A 366 11.10 -29.27 17.93
CA ASN A 366 12.14 -29.17 18.95
C ASN A 366 11.90 -27.98 19.87
N THR A 367 11.35 -26.88 19.35
CA THR A 367 10.94 -25.76 20.18
C THR A 367 9.76 -26.10 21.09
N SER A 368 8.91 -27.05 20.68
CA SER A 368 7.79 -27.58 21.44
C SER A 368 6.61 -26.62 21.58
N SER A 369 6.54 -25.57 20.77
CA SER A 369 5.33 -24.75 20.76
C SER A 369 4.17 -25.57 20.20
N PRO A 370 2.92 -25.33 20.61
CA PRO A 370 1.83 -26.17 20.10
C PRO A 370 1.53 -25.99 18.63
N HIS A 371 1.88 -24.84 18.04
CA HIS A 371 1.61 -24.61 16.63
C HIS A 371 2.61 -25.39 15.77
N ALA A 372 2.36 -26.68 15.56
CA ALA A 372 3.21 -27.56 14.76
C ALA A 372 2.47 -28.30 13.67
N GLY A 373 1.17 -28.56 13.86
CA GLY A 373 0.42 -29.30 12.86
C GLY A 373 -0.01 -28.47 11.66
N LEU A 374 0.27 -27.16 11.66
CA LEU A 374 -0.16 -26.31 10.54
C LEU A 374 0.62 -26.64 9.28
N PHE A 375 1.94 -26.70 9.37
CA PHE A 375 2.77 -27.01 8.21
C PHE A 375 2.66 -28.50 7.90
N PRO A 376 2.61 -28.93 6.62
CA PRO A 376 2.64 -30.37 6.36
C PRO A 376 4.06 -30.91 6.46
N LYS A 377 4.18 -32.23 6.29
CA LYS A 377 5.45 -32.95 6.26
C LYS A 377 5.63 -33.51 4.85
N ASP A 378 6.33 -32.76 4.00
CA ASP A 378 6.59 -33.17 2.63
C ASP A 378 7.73 -32.32 2.08
N ASN A 379 8.20 -32.69 0.89
CA ASN A 379 9.41 -32.11 0.31
C ASN A 379 9.21 -30.69 -0.24
N SER A 380 8.00 -30.13 -0.20
CA SER A 380 7.75 -28.82 -0.78
C SER A 380 8.42 -27.73 0.04
N THR A 381 8.47 -26.53 -0.53
CA THR A 381 9.06 -25.37 0.11
C THR A 381 8.06 -24.70 1.04
N LEU A 382 8.58 -23.92 1.98
CA LEU A 382 7.74 -23.24 2.96
C LEU A 382 6.92 -22.15 2.29
N ALA A 383 5.61 -22.16 2.56
CA ALA A 383 4.69 -21.11 2.13
C ALA A 383 4.37 -20.24 3.35
N VAL A 384 4.58 -18.94 3.23
CA VAL A 384 4.52 -17.99 4.34
C VAL A 384 3.35 -17.05 4.12
N ASP A 385 2.57 -16.84 5.18
CA ASP A 385 1.47 -15.90 5.26
C ASP A 385 1.78 -14.94 6.42
N ILE A 386 0.88 -13.97 6.64
CA ILE A 386 1.02 -13.09 7.80
C ILE A 386 0.90 -13.90 9.08
N TYR A 387 0.03 -14.91 9.07
CA TYR A 387 -0.06 -15.84 10.19
C TYR A 387 1.13 -16.78 10.23
N LYS A 388 1.32 -17.53 9.13
CA LYS A 388 2.34 -18.60 9.11
C LYS A 388 3.75 -18.02 9.22
N GLY A 389 3.96 -16.81 8.72
CA GLY A 389 5.22 -16.12 8.97
C GLY A 389 5.46 -15.88 10.45
N GLY A 390 4.43 -15.46 11.16
CA GLY A 390 4.55 -15.29 12.61
C GLY A 390 4.80 -16.60 13.33
N VAL A 391 4.17 -17.68 12.87
CA VAL A 391 4.37 -18.98 13.52
C VAL A 391 5.80 -19.48 13.32
N VAL A 392 6.32 -19.39 12.10
CA VAL A 392 7.69 -19.88 11.87
C VAL A 392 8.69 -18.99 12.60
N LEU A 393 8.42 -17.68 12.65
CA LEU A 393 9.28 -16.77 13.40
C LEU A 393 9.27 -17.10 14.89
N GLY A 394 8.09 -17.43 15.43
CA GLY A 394 8.01 -17.80 16.83
C GLY A 394 8.71 -19.11 17.13
N CYS A 395 8.50 -20.11 16.29
CA CYS A 395 9.13 -21.40 16.52
C CYS A 395 10.65 -21.35 16.32
N TYR A 396 11.16 -20.41 15.52
CA TYR A 396 12.60 -20.27 15.35
C TYR A 396 13.25 -19.45 16.46
N PHE A 397 12.70 -18.26 16.77
CA PHE A 397 13.34 -17.28 17.64
C PHE A 397 12.53 -16.95 18.88
N GLY A 398 11.69 -17.88 19.35
CA GLY A 398 10.99 -17.72 20.61
C GLY A 398 9.74 -16.87 20.50
N PRO A 399 8.89 -16.88 21.54
CA PRO A 399 7.61 -16.15 21.42
C PRO A 399 7.74 -14.63 21.34
N ALA A 400 8.87 -14.07 21.77
CA ALA A 400 9.02 -12.62 21.79
C ALA A 400 9.01 -12.06 20.38
N ALA A 401 9.71 -12.71 19.45
CA ALA A 401 9.72 -12.28 18.06
C ALA A 401 8.34 -12.40 17.44
N LEU A 402 7.58 -13.44 17.84
CA LEU A 402 6.24 -13.63 17.32
C LEU A 402 5.32 -12.50 17.77
N TYR A 403 5.33 -12.17 19.07
CA TYR A 403 4.46 -11.11 19.56
C TYR A 403 4.88 -9.75 19.01
N ILE A 404 6.19 -9.55 18.80
CA ILE A 404 6.65 -8.29 18.19
C ILE A 404 6.17 -8.20 16.74
N TRP A 405 6.22 -9.30 16.00
CA TRP A 405 5.72 -9.30 14.62
C TRP A 405 4.22 -9.03 14.57
N ALA A 406 3.48 -9.62 15.50
CA ALA A 406 2.03 -9.43 15.50
C ALA A 406 1.65 -8.00 15.89
N VAL A 407 2.33 -7.42 16.89
CA VAL A 407 2.01 -6.06 17.28
C VAL A 407 2.45 -5.07 16.20
N GLY A 408 3.52 -5.40 15.48
CA GLY A 408 3.88 -4.59 14.32
C GLY A 408 2.81 -4.62 13.24
N ILE A 409 2.22 -5.80 13.01
CA ILE A 409 1.13 -5.87 12.03
C ILE A 409 -0.07 -5.09 12.52
N LEU A 410 -0.32 -5.09 13.84
CA LEU A 410 -1.43 -4.31 14.40
C LEU A 410 -1.22 -2.82 14.18
N ALA A 411 -0.01 -2.34 14.42
CA ALA A 411 0.30 -0.92 14.20
C ALA A 411 0.17 -0.56 12.72
N ALA A 412 0.63 -1.45 11.83
CA ALA A 412 0.47 -1.22 10.40
C ALA A 412 -0.99 -1.18 10.00
N GLY A 413 -1.82 -2.03 10.62
CA GLY A 413 -3.24 -2.00 10.33
C GLY A 413 -3.90 -0.72 10.80
N GLN A 414 -3.49 -0.22 11.97
CA GLN A 414 -4.00 1.06 12.46
C GLN A 414 -3.62 2.19 11.51
N SER A 415 -2.39 2.12 10.97
CA SER A 415 -1.94 3.09 9.98
C SER A 415 -2.80 3.04 8.72
N SER A 416 -3.08 1.84 8.22
CA SER A 416 -3.88 1.71 7.02
C SER A 416 -5.30 2.19 7.24
N THR A 417 -5.84 1.95 8.44
CA THR A 417 -7.17 2.45 8.78
C THR A 417 -7.22 3.97 8.75
N MET A 418 -6.25 4.62 9.42
CA MET A 418 -6.29 6.09 9.50
C MET A 418 -6.05 6.72 8.13
N THR A 419 -5.11 6.17 7.36
CA THR A 419 -4.86 6.67 6.01
C THR A 419 -6.07 6.44 5.11
N GLY A 420 -6.75 5.30 5.27
CA GLY A 420 -7.95 5.05 4.47
C GLY A 420 -9.06 6.03 4.79
N THR A 421 -9.27 6.33 6.08
CA THR A 421 -10.30 7.31 6.45
C THR A 421 -9.98 8.69 5.90
N TYR A 422 -8.73 9.12 6.01
CA TYR A 422 -8.38 10.47 5.56
C TYR A 422 -8.50 10.60 4.05
N SER A 423 -7.94 9.64 3.31
CA SER A 423 -7.99 9.68 1.86
C SER A 423 -9.42 9.55 1.36
N GLY A 424 -10.22 8.70 2.01
CA GLY A 424 -11.61 8.58 1.63
C GLY A 424 -12.42 9.83 1.90
N GLN A 425 -12.12 10.52 3.01
CA GLN A 425 -12.81 11.77 3.34
C GLN A 425 -12.53 12.82 2.28
N PHE A 426 -11.26 12.97 1.89
CA PHE A 426 -10.93 13.96 0.87
C PHE A 426 -11.46 13.55 -0.50
N VAL A 427 -11.54 12.24 -0.77
CA VAL A 427 -12.09 11.76 -2.04
C VAL A 427 -13.57 12.11 -2.14
N MET A 428 -14.32 11.88 -1.07
CA MET A 428 -15.75 12.23 -1.11
C MET A 428 -15.95 13.74 -1.09
N GLU A 429 -15.06 14.48 -0.44
CA GLU A 429 -15.17 15.93 -0.45
C GLU A 429 -14.93 16.49 -1.84
N GLY A 430 -14.03 15.89 -2.62
CA GLY A 430 -13.65 16.43 -3.91
C GLY A 430 -14.44 15.94 -5.10
N PHE A 431 -14.70 14.63 -5.18
CA PHE A 431 -15.23 14.08 -6.43
C PHE A 431 -16.69 14.45 -6.64
N LEU A 432 -17.57 14.04 -5.71
CA LEU A 432 -19.01 14.31 -5.78
C LEU A 432 -19.48 15.34 -4.77
N ASN A 433 -18.58 15.96 -4.00
CA ASN A 433 -18.91 17.11 -3.15
C ASN A 433 -19.90 16.74 -2.05
N LEU A 434 -19.49 15.81 -1.20
CA LEU A 434 -20.17 15.45 0.03
C LEU A 434 -19.21 15.67 1.19
N LYS A 435 -19.64 16.47 2.17
CA LYS A 435 -18.81 16.80 3.33
C LYS A 435 -19.05 15.80 4.46
N TRP A 436 -18.80 14.53 4.15
CA TRP A 436 -18.98 13.47 5.13
C TRP A 436 -17.89 13.52 6.20
N SER A 437 -18.28 13.27 7.44
CA SER A 437 -17.34 13.23 8.53
C SER A 437 -16.51 11.95 8.46
N ARG A 438 -15.46 11.90 9.28
CA ARG A 438 -14.58 10.74 9.30
C ARG A 438 -15.31 9.50 9.79
N PHE A 439 -16.26 9.67 10.71
CA PHE A 439 -16.96 8.53 11.27
C PHE A 439 -17.83 7.85 10.21
N ALA A 440 -18.54 8.62 9.39
CA ALA A 440 -19.38 8.02 8.36
C ALA A 440 -18.54 7.26 7.35
N ARG A 441 -17.38 7.82 7.00
CA ARG A 441 -16.49 7.15 6.06
C ARG A 441 -15.93 5.86 6.65
N VAL A 442 -15.52 5.88 7.93
CA VAL A 442 -14.94 4.66 8.50
C VAL A 442 -16.02 3.59 8.68
N VAL A 443 -17.26 4.00 8.96
CA VAL A 443 -18.37 3.03 9.01
C VAL A 443 -18.56 2.39 7.65
N LEU A 444 -18.55 3.19 6.58
CA LEU A 444 -18.73 2.65 5.23
C LEU A 444 -17.62 1.68 4.86
N THR A 445 -16.37 2.12 4.99
CA THR A 445 -15.23 1.29 4.60
C THR A 445 -15.12 0.05 5.48
N ARG A 446 -15.28 0.21 6.80
CA ARG A 446 -15.13 -0.92 7.70
C ARG A 446 -16.26 -1.92 7.54
N SER A 447 -17.48 -1.45 7.28
CA SER A 447 -18.60 -2.40 7.13
C SER A 447 -18.45 -3.22 5.86
N ILE A 448 -18.17 -2.54 4.73
CA ILE A 448 -18.00 -3.27 3.47
C ILE A 448 -16.73 -4.13 3.53
N ALA A 449 -15.74 -3.72 4.33
CA ALA A 449 -14.58 -4.57 4.56
C ALA A 449 -14.93 -5.81 5.35
N ILE A 450 -15.65 -5.66 6.46
CA ILE A 450 -15.81 -6.78 7.39
C ILE A 450 -16.83 -7.81 6.92
N ILE A 451 -17.78 -7.44 6.07
CA ILE A 451 -18.84 -8.39 5.70
C ILE A 451 -18.26 -9.58 4.93
N PRO A 452 -17.54 -9.41 3.81
CA PRO A 452 -16.91 -10.60 3.19
C PRO A 452 -15.85 -11.25 4.05
N THR A 453 -15.08 -10.46 4.81
CA THR A 453 -14.02 -11.05 5.62
C THR A 453 -14.59 -11.82 6.80
N LEU A 454 -15.67 -11.33 7.42
CA LEU A 454 -16.32 -12.09 8.48
C LEU A 454 -16.93 -13.37 7.93
N LEU A 455 -17.50 -13.31 6.72
CA LEU A 455 -18.04 -14.53 6.09
C LEU A 455 -16.93 -15.56 5.84
N VAL A 456 -15.81 -15.11 5.25
CA VAL A 456 -14.72 -16.03 4.92
C VAL A 456 -14.06 -16.57 6.19
N ALA A 457 -13.93 -15.72 7.22
CA ALA A 457 -13.30 -16.17 8.45
C ALA A 457 -14.18 -17.18 9.19
N VAL A 458 -15.47 -16.87 9.36
CA VAL A 458 -16.32 -17.76 10.14
C VAL A 458 -16.63 -19.06 9.40
N PHE A 459 -16.61 -19.05 8.06
CA PHE A 459 -16.76 -20.28 7.26
C PHE A 459 -15.43 -20.96 6.98
N GLN A 460 -14.52 -20.30 6.29
CA GLN A 460 -13.30 -20.88 5.75
C GLN A 460 -12.12 -20.60 6.70
N ASP A 461 -10.94 -21.09 6.32
CA ASP A 461 -9.77 -21.15 7.18
C ASP A 461 -8.73 -20.12 6.74
N VAL A 462 -7.58 -20.11 7.44
CA VAL A 462 -6.57 -19.07 7.27
C VAL A 462 -5.98 -19.08 5.87
N GLU A 463 -5.84 -20.26 5.26
CA GLU A 463 -5.26 -20.35 3.92
C GLU A 463 -6.14 -19.64 2.89
N HIS A 464 -7.46 -19.80 3.01
CA HIS A 464 -8.36 -19.06 2.12
C HIS A 464 -8.33 -17.57 2.42
N LEU A 465 -8.10 -17.18 3.68
CA LEU A 465 -7.93 -15.76 3.99
C LEU A 465 -6.70 -15.18 3.30
N THR A 466 -5.58 -15.91 3.32
CA THR A 466 -4.40 -15.42 2.63
C THR A 466 -4.60 -15.45 1.11
N GLY A 467 -5.38 -16.40 0.60
CA GLY A 467 -5.72 -16.37 -0.81
C GLY A 467 -6.51 -15.14 -1.18
N MET A 468 -7.46 -14.75 -0.31
CA MET A 468 -8.18 -13.50 -0.50
C MET A 468 -7.23 -12.31 -0.40
N ASN A 469 -6.23 -12.40 0.46
CA ASN A 469 -5.21 -11.34 0.57
C ASN A 469 -4.43 -11.20 -0.74
N ASP A 470 -4.07 -12.33 -1.35
CA ASP A 470 -3.40 -12.28 -2.64
C ASP A 470 -4.31 -11.70 -3.72
N PHE A 471 -5.61 -12.00 -3.63
CA PHE A 471 -6.57 -11.43 -4.57
C PHE A 471 -6.65 -9.91 -4.39
N LEU A 472 -6.61 -9.44 -3.14
CA LEU A 472 -6.63 -8.00 -2.92
C LEU A 472 -5.33 -7.37 -3.40
N ASN A 473 -4.21 -8.10 -3.31
CA ASN A 473 -2.95 -7.58 -3.82
C ASN A 473 -2.98 -7.42 -5.34
N VAL A 474 -3.48 -8.42 -6.06
CA VAL A 474 -3.56 -8.29 -7.52
C VAL A 474 -4.63 -7.27 -7.90
N LEU A 475 -5.66 -7.10 -7.05
CA LEU A 475 -6.61 -6.01 -7.26
C LEU A 475 -5.94 -4.65 -7.14
N GLN A 476 -5.07 -4.48 -6.14
CA GLN A 476 -4.39 -3.20 -5.99
C GLN A 476 -3.43 -2.94 -7.14
N SER A 477 -2.75 -3.98 -7.62
CA SER A 477 -1.96 -3.85 -8.84
C SER A 477 -2.83 -3.51 -10.05
N LEU A 478 -4.07 -4.01 -10.06
CA LEU A 478 -4.99 -3.67 -11.14
C LEU A 478 -5.43 -2.21 -11.05
N GLN A 479 -5.62 -1.70 -9.84
CA GLN A 479 -6.05 -0.32 -9.60
C GLN A 479 -4.94 0.71 -9.70
N LEU A 480 -3.67 0.27 -9.75
CA LEU A 480 -2.52 1.18 -9.92
C LEU A 480 -2.64 2.18 -11.08
N PRO A 481 -3.06 1.78 -12.30
CA PRO A 481 -3.16 2.79 -13.38
C PRO A 481 -4.14 3.93 -13.13
N PHE A 482 -5.23 3.72 -12.39
CA PHE A 482 -6.14 4.83 -12.10
C PHE A 482 -5.58 5.86 -11.12
N ALA A 483 -4.44 5.57 -10.48
CA ALA A 483 -3.65 6.58 -9.78
C ALA A 483 -2.47 7.08 -10.60
N LEU A 484 -1.89 6.23 -11.45
CA LEU A 484 -0.76 6.68 -12.26
C LEU A 484 -1.19 7.69 -13.31
N ILE A 485 -2.27 7.43 -14.03
CA ILE A 485 -2.65 8.26 -15.18
C ILE A 485 -3.18 9.63 -14.77
N PRO A 486 -4.24 9.76 -13.95
CA PRO A 486 -4.94 11.06 -13.87
C PRO A 486 -4.14 12.19 -13.26
N ILE A 487 -3.24 11.85 -12.32
CA ILE A 487 -2.34 12.84 -11.76
C ILE A 487 -1.41 13.38 -12.85
N LEU A 488 -0.87 12.49 -13.71
CA LEU A 488 -0.03 12.92 -14.81
C LEU A 488 -0.81 13.72 -15.83
N THR A 489 -2.09 13.37 -16.01
CA THR A 489 -2.93 14.09 -16.96
C THR A 489 -3.16 15.52 -16.48
N PHE A 490 -3.45 15.68 -15.19
CA PHE A 490 -3.87 17.00 -14.68
C PHE A 490 -2.68 17.91 -14.43
N THR A 491 -1.61 17.44 -13.74
CA THR A 491 -0.47 18.32 -13.47
C THR A 491 0.58 18.33 -14.61
N SER A 492 0.13 18.45 -15.85
CA SER A 492 0.95 18.83 -17.00
C SER A 492 0.28 19.84 -17.92
N LEU A 493 -1.04 20.00 -17.86
CA LEU A 493 -1.72 20.97 -18.70
C LEU A 493 -1.33 22.39 -18.31
N ARG A 494 -0.97 23.19 -19.30
CA ARG A 494 -0.63 24.59 -19.08
C ARG A 494 -1.77 25.42 -18.49
N PRO A 495 -3.04 25.30 -18.95
CA PRO A 495 -4.10 26.11 -18.33
C PRO A 495 -4.33 25.88 -16.85
N VAL A 496 -4.17 24.65 -16.35
CA VAL A 496 -4.51 24.33 -14.97
C VAL A 496 -3.31 24.55 -14.05
N MET A 497 -2.09 24.34 -14.55
CA MET A 497 -0.86 24.48 -13.77
C MET A 497 -0.17 25.84 -13.95
N SER A 498 -0.66 26.70 -14.85
CA SER A 498 -0.01 27.98 -15.19
C SER A 498 1.36 27.64 -15.77
N ASP A 499 2.47 28.22 -15.29
CA ASP A 499 3.79 28.00 -15.87
C ASP A 499 4.51 26.79 -15.30
N PHE A 500 3.91 26.02 -14.40
CA PHE A 500 4.55 24.91 -13.69
C PHE A 500 4.26 23.56 -14.35
N ALA A 501 4.09 23.55 -15.67
CA ALA A 501 3.89 22.28 -16.37
C ALA A 501 5.18 21.46 -16.34
N ASN A 502 5.03 20.16 -16.56
CA ASN A 502 6.16 19.27 -16.53
C ASN A 502 7.06 19.49 -17.74
N GLY A 503 8.37 19.33 -17.54
CA GLY A 503 9.33 19.41 -18.62
C GLY A 503 9.29 18.18 -19.50
N LEU A 504 10.10 18.22 -20.56
CA LEU A 504 10.05 17.19 -21.61
C LEU A 504 10.43 15.82 -21.07
N GLY A 505 11.48 15.76 -20.25
CA GLY A 505 11.90 14.48 -19.68
C GLY A 505 10.87 13.91 -18.73
N TRP A 506 10.23 14.76 -17.94
CA TRP A 506 9.18 14.31 -17.03
C TRP A 506 8.00 13.73 -17.81
N ARG A 507 7.58 14.41 -18.87
CA ARG A 507 6.45 13.95 -19.66
C ARG A 507 6.76 12.64 -20.38
N ILE A 508 7.94 12.54 -21.00
CA ILE A 508 8.27 11.32 -21.75
C ILE A 508 8.49 10.14 -20.79
N ALA A 509 9.07 10.40 -19.61
CA ALA A 509 9.21 9.35 -18.61
C ALA A 509 7.85 8.87 -18.11
N GLY A 510 6.92 9.81 -17.91
CA GLY A 510 5.57 9.42 -17.57
C GLY A 510 4.90 8.63 -18.68
N GLY A 511 5.21 8.96 -19.93
CA GLY A 511 4.65 8.23 -21.06
C GLY A 511 5.11 6.78 -21.11
N ILE A 512 6.41 6.55 -20.96
CA ILE A 512 6.90 5.17 -20.96
C ILE A 512 6.43 4.44 -19.71
N LEU A 513 6.27 5.15 -18.58
CA LEU A 513 5.78 4.52 -17.36
C LEU A 513 4.33 4.06 -17.52
N VAL A 514 3.47 4.89 -18.11
CA VAL A 514 2.08 4.46 -18.30
C VAL A 514 2.02 3.35 -19.33
N LEU A 515 2.86 3.40 -20.37
CA LEU A 515 2.84 2.35 -21.38
C LEU A 515 3.24 1.00 -20.82
N ILE A 516 4.32 0.96 -20.02
CA ILE A 516 4.77 -0.31 -19.45
C ILE A 516 3.75 -0.83 -18.44
N ILE A 517 3.13 0.08 -17.65
CA ILE A 517 2.18 -0.37 -16.63
C ILE A 517 0.91 -0.94 -17.26
N CYS A 518 0.29 -0.23 -18.22
CA CYS A 518 -0.93 -0.78 -18.82
C CYS A 518 -0.66 -1.99 -19.71
N SER A 519 0.52 -2.08 -20.34
CA SER A 519 0.84 -3.30 -21.08
C SER A 519 1.00 -4.49 -20.14
N ILE A 520 1.62 -4.26 -18.98
CA ILE A 520 1.73 -5.31 -17.96
C ILE A 520 0.34 -5.73 -17.49
N ASN A 521 -0.55 -4.76 -17.29
CA ASN A 521 -1.89 -5.08 -16.80
C ASN A 521 -2.70 -5.84 -17.84
N MET A 522 -2.58 -5.47 -19.12
CA MET A 522 -3.29 -6.20 -20.17
C MET A 522 -2.79 -7.63 -20.29
N TYR A 523 -1.46 -7.81 -20.30
CA TYR A 523 -0.90 -9.15 -20.35
C TYR A 523 -1.31 -9.98 -19.14
N PHE A 524 -1.40 -9.34 -17.98
CA PHE A 524 -1.70 -10.10 -16.77
C PHE A 524 -3.17 -10.46 -16.73
N VAL A 525 -4.04 -9.60 -17.27
CA VAL A 525 -5.46 -9.91 -17.26
C VAL A 525 -5.77 -11.05 -18.25
N VAL A 526 -5.10 -11.06 -19.42
CA VAL A 526 -5.33 -12.20 -20.33
C VAL A 526 -4.68 -13.46 -19.76
N VAL A 527 -3.59 -13.34 -19.00
CA VAL A 527 -2.99 -14.51 -18.35
C VAL A 527 -3.95 -15.10 -17.32
N TYR A 528 -4.71 -14.20 -16.68
CA TYR A 528 -5.66 -14.68 -15.63
C TYR A 528 -6.91 -15.21 -16.29
N VAL A 529 -7.19 -14.73 -17.51
CA VAL A 529 -8.39 -15.16 -18.21
C VAL A 529 -8.18 -16.52 -18.89
N ARG A 530 -6.97 -16.82 -19.36
CA ARG A 530 -6.77 -18.05 -20.12
C ARG A 530 -6.94 -19.30 -19.27
N ASP A 531 -6.62 -19.21 -17.97
CA ASP A 531 -6.87 -20.34 -17.07
C ASP A 531 -8.36 -20.64 -16.94
N LEU A 532 -9.21 -19.61 -16.97
CA LEU A 532 -10.64 -19.72 -16.64
C LEU A 532 -11.37 -20.67 -17.59
N GLY A 533 -11.42 -20.34 -18.88
CA GLY A 533 -11.87 -21.28 -19.91
C GLY A 533 -13.29 -21.78 -19.80
N HIS A 534 -14.15 -21.10 -19.04
CA HIS A 534 -15.52 -21.53 -18.84
C HIS A 534 -16.39 -21.18 -20.04
N VAL A 535 -17.59 -21.78 -20.08
CA VAL A 535 -18.51 -21.50 -21.17
C VAL A 535 -19.08 -20.08 -21.05
N ALA A 536 -19.53 -19.72 -19.85
CA ALA A 536 -20.27 -18.50 -19.57
C ALA A 536 -19.52 -17.52 -18.67
N LEU A 537 -18.91 -17.99 -17.60
CA LEU A 537 -18.23 -17.09 -16.67
C LEU A 537 -16.96 -16.51 -17.31
N TYR A 538 -16.41 -17.20 -18.31
CA TYR A 538 -15.41 -16.60 -19.20
C TYR A 538 -15.97 -15.36 -19.89
N VAL A 539 -17.26 -15.37 -20.27
CA VAL A 539 -17.83 -14.26 -21.01
C VAL A 539 -17.93 -13.02 -20.13
N VAL A 540 -18.42 -13.18 -18.90
CA VAL A 540 -18.53 -12.00 -18.03
C VAL A 540 -17.15 -11.55 -17.58
N ALA A 541 -16.19 -12.49 -17.46
CA ALA A 541 -14.80 -12.08 -17.22
C ALA A 541 -14.26 -11.25 -18.36
N ALA A 542 -14.57 -11.64 -19.60
CA ALA A 542 -14.15 -10.86 -20.76
C ALA A 542 -14.85 -9.51 -20.80
N VAL A 543 -16.11 -9.45 -20.35
CA VAL A 543 -16.83 -8.19 -20.30
C VAL A 543 -16.17 -7.23 -19.32
N VAL A 544 -15.79 -7.74 -18.15
CA VAL A 544 -15.10 -6.92 -17.15
C VAL A 544 -13.75 -6.47 -17.70
N SER A 545 -13.04 -7.38 -18.38
CA SER A 545 -11.72 -7.05 -18.91
C SER A 545 -11.79 -5.99 -19.99
N VAL A 546 -12.73 -6.11 -20.93
CA VAL A 546 -12.81 -5.14 -22.02
C VAL A 546 -13.33 -3.80 -21.49
N ALA A 547 -14.21 -3.81 -20.49
CA ALA A 547 -14.66 -2.55 -19.90
C ALA A 547 -13.51 -1.83 -19.20
N TYR A 548 -12.71 -2.57 -18.43
CA TYR A 548 -11.56 -1.99 -17.75
C TYR A 548 -10.53 -1.48 -18.75
N LEU A 549 -10.27 -2.25 -19.81
CA LEU A 549 -9.28 -1.82 -20.81
C LEU A 549 -9.79 -0.61 -21.58
N GLY A 550 -11.09 -0.54 -21.85
CA GLY A 550 -11.65 0.65 -22.49
C GLY A 550 -11.50 1.89 -21.63
N PHE A 551 -11.74 1.75 -20.33
CA PHE A 551 -11.60 2.90 -19.44
C PHE A 551 -10.13 3.32 -19.32
N VAL A 552 -9.21 2.36 -19.23
CA VAL A 552 -7.80 2.70 -19.14
C VAL A 552 -7.33 3.33 -20.45
N PHE A 553 -7.85 2.85 -21.58
CA PHE A 553 -7.51 3.45 -22.86
C PHE A 553 -8.05 4.88 -22.96
N TYR A 554 -9.24 5.13 -22.41
CA TYR A 554 -9.78 6.50 -22.45
C TYR A 554 -8.90 7.41 -21.60
N LEU A 555 -8.52 6.97 -20.41
CA LEU A 555 -7.67 7.80 -19.56
C LEU A 555 -6.30 8.01 -20.18
N GLY A 556 -5.74 6.97 -20.80
CA GLY A 556 -4.46 7.13 -21.48
C GLY A 556 -4.56 8.05 -22.68
N TRP A 557 -5.68 8.01 -23.39
CA TRP A 557 -5.88 8.91 -24.53
C TRP A 557 -5.98 10.35 -24.05
N GLN A 558 -6.67 10.58 -22.94
CA GLN A 558 -6.72 11.91 -22.34
C GLN A 558 -5.34 12.36 -21.90
N CYS A 559 -4.54 11.44 -21.36
CA CYS A 559 -3.19 11.79 -20.93
C CYS A 559 -2.30 12.13 -22.11
N LEU A 560 -2.39 11.34 -23.19
CA LEU A 560 -1.58 11.61 -24.38
C LEU A 560 -2.01 12.92 -25.05
N ILE A 561 -3.29 13.28 -24.95
CA ILE A 561 -3.70 14.62 -25.34
C ILE A 561 -3.03 15.65 -24.41
N ALA A 562 -3.00 15.36 -23.12
CA ALA A 562 -2.43 16.32 -22.17
C ALA A 562 -0.92 16.44 -22.34
N LEU A 563 -0.23 15.32 -22.51
CA LEU A 563 1.21 15.34 -22.68
C LEU A 563 1.56 15.86 -24.07
#